data_6SQZ
#
_entry.id   6SQZ
#
_cell.length_a   58.997
_cell.length_b   58.997
_cell.length_c   142.650
_cell.angle_alpha   90.000
_cell.angle_beta   90.000
_cell.angle_gamma   90.000
#
_symmetry.space_group_name_H-M   'P 41 21 2'
#
loop_
_entity.id
_entity.type
_entity.pdbx_description
1 polymer 'dCTP pyrophosphatase 1'
2 non-polymer 'MAGNESIUM ION'
3 non-polymer "2'-deoxy-5'-O-[(R)-hydroxy{[(R)-hydroxy(phosphonooxy)phosphoryl]amino}phosphoryl]cytidine"
4 water water
#
_entity_poly.entity_id   1
_entity_poly.type   'polypeptide(L)'
_entity_poly.pdbx_seq_one_letter_code
;MSTAGDGERGTVGQEDSAAAMPFRFSPEPTLEDIRRLHAEFAAERDWEQFHQPRNLLLALVGEVGELAELFQWKSDTEPG
PQAWPPKERAALQEELSDVLIYLVALAARCHVDLPQAVISKMDTNRQRYPVHLSRGSACKYTDLPRGTISENQAVGAGDP
ASELRDQAST
;
_entity_poly.pdbx_strand_id   A,D
#
loop_
_chem_comp.id
_chem_comp.type
_chem_comp.name
_chem_comp.formula
0KX non-polymer 2'-deoxy-5'-O-[(R)-hydroxy{[(R)-hydroxy(phosphonooxy)phosphoryl]amino}phosphoryl]cytidine 'C9 H17 N4 O12 P3'
MG non-polymer 'MAGNESIUM ION' 'Mg 2'
#
# COMPACT_ATOMS: atom_id res chain seq x y z
N MET A 21 10.82 -31.08 0.21
CA MET A 21 10.41 -31.46 -1.17
C MET A 21 10.46 -30.18 -1.97
N PRO A 22 10.77 -30.25 -3.25
CA PRO A 22 10.82 -28.99 -4.00
C PRO A 22 9.41 -28.30 -4.12
N PHE A 23 9.34 -27.02 -3.83
CA PHE A 23 8.18 -26.22 -4.15
C PHE A 23 8.24 -25.65 -5.57
N ARG A 24 7.17 -25.84 -6.35
CA ARG A 24 7.07 -25.31 -7.73
C ARG A 24 5.68 -24.67 -7.92
N PHE A 25 5.55 -23.66 -8.79
CA PHE A 25 4.23 -23.24 -9.26
C PHE A 25 3.68 -24.18 -10.28
N SER A 26 2.35 -24.23 -10.40
CA SER A 26 1.74 -24.91 -11.56
C SER A 26 2.17 -24.27 -12.91
N PRO A 27 2.15 -25.06 -13.99
CA PRO A 27 2.57 -24.56 -15.29
C PRO A 27 1.60 -23.59 -15.98
N GLU A 28 0.34 -23.60 -15.55
CA GLU A 28 -0.72 -22.71 -16.06
C GLU A 28 -1.61 -22.27 -14.91
N PRO A 29 -2.25 -21.09 -15.01
CA PRO A 29 -2.15 -20.17 -16.16
C PRO A 29 -0.85 -19.37 -16.26
N THR A 30 -0.52 -19.04 -17.51
CA THR A 30 0.58 -18.18 -17.86
C THR A 30 0.12 -16.70 -17.66
N LEU A 31 1.03 -15.77 -17.78
CA LEU A 31 0.67 -14.35 -17.63
C LEU A 31 -0.24 -13.91 -18.78
N GLU A 32 -0.01 -14.46 -19.98
CA GLU A 32 -0.90 -14.17 -21.11
C GLU A 32 -2.28 -14.73 -20.83
N ASP A 33 -2.35 -15.94 -20.27
CA ASP A 33 -3.62 -16.54 -19.88
C ASP A 33 -4.36 -15.64 -18.88
N ILE A 34 -3.65 -15.13 -17.89
CA ILE A 34 -4.27 -14.23 -16.90
C ILE A 34 -4.75 -12.94 -17.55
N ARG A 35 -3.92 -12.34 -18.41
CA ARG A 35 -4.36 -11.14 -19.13
C ARG A 35 -5.68 -11.36 -19.85
N ARG A 36 -5.74 -12.49 -20.57
CA ARG A 36 -6.89 -12.85 -21.39
C ARG A 36 -8.10 -13.04 -20.51
N LEU A 37 -7.95 -13.78 -19.41
CA LEU A 37 -9.06 -14.04 -18.48
C LEU A 37 -9.56 -12.75 -17.84
N HIS A 38 -8.64 -11.88 -17.40
CA HIS A 38 -9.10 -10.65 -16.81
C HIS A 38 -9.80 -9.75 -17.86
N ALA A 39 -9.29 -9.72 -19.11
CA ALA A 39 -9.90 -8.84 -20.12
C ALA A 39 -11.33 -9.30 -20.42
N GLU A 40 -11.53 -10.62 -20.52
CA GLU A 40 -12.85 -11.18 -20.78
C GLU A 40 -13.79 -10.84 -19.63
N PHE A 41 -13.30 -11.03 -18.39
CA PHE A 41 -14.04 -10.64 -17.17
C PHE A 41 -14.51 -9.18 -17.15
N ALA A 42 -13.60 -8.26 -17.46
CA ALA A 42 -13.88 -6.86 -17.45
C ALA A 42 -14.82 -6.48 -18.59
N ALA A 43 -14.52 -7.00 -19.79
CA ALA A 43 -15.33 -6.67 -20.97
C ALA A 43 -16.79 -7.13 -20.82
N GLU A 44 -17.01 -8.28 -20.22
CA GLU A 44 -18.40 -8.75 -19.96
C GLU A 44 -19.21 -7.78 -19.10
N ARG A 45 -18.55 -7.06 -18.20
CA ARG A 45 -19.22 -6.18 -17.26
C ARG A 45 -19.18 -4.73 -17.67
N ASP A 46 -18.64 -4.44 -18.85
CA ASP A 46 -18.46 -3.08 -19.32
C ASP A 46 -17.63 -2.22 -18.34
N TRP A 47 -16.53 -2.81 -17.91
CA TRP A 47 -15.63 -2.19 -16.92
C TRP A 47 -14.35 -1.59 -17.54
N GLU A 48 -14.09 -1.80 -18.83
CA GLU A 48 -12.92 -1.23 -19.56
C GLU A 48 -12.82 0.26 -19.32
N GLN A 49 -13.98 0.92 -19.32
CA GLN A 49 -14.06 2.35 -19.05
C GLN A 49 -13.46 2.77 -17.72
N PHE A 50 -13.47 1.90 -16.69
CA PHE A 50 -12.85 2.19 -15.41
C PHE A 50 -11.35 1.84 -15.30
N HIS A 51 -10.79 1.16 -16.32
CA HIS A 51 -9.49 0.56 -16.22
C HIS A 51 -8.39 1.45 -16.82
N GLN A 52 -8.49 2.77 -16.59
CA GLN A 52 -7.43 3.70 -17.00
C GLN A 52 -6.20 3.42 -16.11
N PRO A 53 -5.00 3.71 -16.59
CA PRO A 53 -3.80 3.26 -15.87
C PRO A 53 -3.73 3.72 -14.42
N ARG A 54 -4.07 4.98 -14.12
CA ARG A 54 -3.97 5.44 -12.71
C ARG A 54 -5.01 4.83 -11.81
N ASN A 55 -6.19 4.51 -12.35
CA ASN A 55 -7.20 3.77 -11.62
C ASN A 55 -6.67 2.37 -11.25
N LEU A 56 -6.09 1.67 -12.22
CA LEU A 56 -5.56 0.32 -11.99
C LEU A 56 -4.40 0.37 -10.95
N LEU A 57 -3.56 1.39 -11.06
CA LEU A 57 -2.46 1.56 -10.13
C LEU A 57 -2.94 1.79 -8.70
N LEU A 58 -3.93 2.67 -8.52
CA LEU A 58 -4.48 2.90 -7.19
C LEU A 58 -5.19 1.62 -6.64
N ALA A 59 -5.86 0.87 -7.52
CA ALA A 59 -6.46 -0.38 -7.12
C ALA A 59 -5.41 -1.38 -6.66
N LEU A 60 -4.28 -1.41 -7.38
N LEU A 60 -4.28 -1.41 -7.38
CA LEU A 60 -3.13 -2.22 -7.00
CA LEU A 60 -3.12 -2.22 -6.99
C LEU A 60 -2.62 -1.84 -5.60
C LEU A 60 -2.62 -1.84 -5.60
N VAL A 61 -2.51 -0.54 -5.36
CA VAL A 61 -2.06 -0.04 -4.06
C VAL A 61 -3.00 -0.52 -2.95
N GLY A 62 -4.31 -0.49 -3.22
CA GLY A 62 -5.29 -0.99 -2.27
C GLY A 62 -5.09 -2.44 -1.92
N GLU A 63 -4.81 -3.27 -2.94
CA GLU A 63 -4.59 -4.72 -2.69
C GLU A 63 -3.27 -5.00 -1.98
N VAL A 64 -2.25 -4.19 -2.28
CA VAL A 64 -0.97 -4.29 -1.56
C VAL A 64 -1.23 -3.95 -0.07
N GLY A 65 -2.10 -2.99 0.18
CA GLY A 65 -2.50 -2.70 1.56
C GLY A 65 -3.16 -3.91 2.22
N GLU A 66 -4.08 -4.57 1.51
CA GLU A 66 -4.76 -5.76 2.06
C GLU A 66 -3.73 -6.88 2.36
N LEU A 67 -2.71 -7.01 1.51
CA LEU A 67 -1.64 -7.96 1.72
C LEU A 67 -0.82 -7.63 2.97
N ALA A 68 -0.45 -6.38 3.12
CA ALA A 68 0.30 -5.93 4.29
C ALA A 68 -0.44 -6.19 5.59
N GLU A 69 -1.75 -5.97 5.58
CA GLU A 69 -2.58 -6.14 6.75
C GLU A 69 -2.48 -7.56 7.33
N LEU A 70 -2.36 -8.55 6.46
CA LEU A 70 -2.20 -9.94 6.90
C LEU A 70 -0.94 -10.16 7.72
N PHE A 71 0.12 -9.46 7.38
CA PHE A 71 1.41 -9.62 8.03
C PHE A 71 1.73 -8.66 9.15
N GLN A 72 0.92 -7.61 9.35
CA GLN A 72 1.36 -6.51 10.18
C GLN A 72 1.70 -6.86 11.63
N TRP A 73 0.96 -7.78 12.25
CA TRP A 73 1.22 -8.14 13.64
C TRP A 73 1.93 -9.51 13.77
N LYS A 74 2.42 -10.07 12.69
CA LYS A 74 3.09 -11.37 12.71
C LYS A 74 4.54 -11.09 12.99
N SER A 75 5.06 -11.63 14.09
CA SER A 75 6.52 -11.63 14.32
C SER A 75 7.28 -12.50 13.28
N ASP A 76 8.46 -12.01 12.92
CA ASP A 76 9.38 -12.65 11.94
C ASP A 76 9.97 -13.96 12.46
N THR A 77 10.27 -14.01 13.75
CA THR A 77 10.91 -15.19 14.35
C THR A 77 9.94 -16.36 14.56
N GLU A 78 8.65 -16.08 14.77
CA GLU A 78 7.66 -17.16 14.92
C GLU A 78 7.40 -17.87 13.58
N PRO A 79 6.64 -18.99 13.60
CA PRO A 79 6.28 -19.70 12.37
C PRO A 79 5.67 -18.80 11.27
N GLY A 80 6.07 -19.10 10.03
CA GLY A 80 5.68 -18.34 8.87
C GLY A 80 4.37 -18.79 8.27
N PRO A 81 4.05 -18.22 7.09
CA PRO A 81 2.76 -18.43 6.45
C PRO A 81 2.38 -19.84 6.16
N GLN A 82 3.35 -20.75 6.00
CA GLN A 82 3.01 -22.20 5.90
C GLN A 82 2.22 -22.69 7.11
N ALA A 83 2.43 -22.07 8.28
CA ALA A 83 1.78 -22.48 9.50
C ALA A 83 0.50 -21.76 9.84
N TRP A 84 0.09 -20.79 9.02
CA TRP A 84 -1.12 -20.00 9.33
C TRP A 84 -2.35 -20.89 9.23
N PRO A 85 -3.39 -20.56 9.98
CA PRO A 85 -4.63 -21.32 9.88
C PRO A 85 -5.28 -21.20 8.48
N PRO A 86 -6.15 -22.17 8.13
CA PRO A 86 -6.72 -22.22 6.78
C PRO A 86 -7.36 -20.91 6.32
N LYS A 87 -8.13 -20.23 7.17
CA LYS A 87 -8.73 -18.94 6.74
C LYS A 87 -7.68 -17.87 6.40
N GLU A 88 -6.57 -17.83 7.11
CA GLU A 88 -5.51 -16.88 6.83
C GLU A 88 -4.70 -17.28 5.59
N ARG A 89 -4.48 -18.57 5.36
CA ARG A 89 -3.88 -19.00 4.10
C ARG A 89 -4.80 -18.64 2.90
N ALA A 90 -6.10 -18.86 3.04
CA ALA A 90 -7.04 -18.48 1.99
C ALA A 90 -6.95 -16.99 1.70
N ALA A 91 -6.90 -16.18 2.73
CA ALA A 91 -6.81 -14.73 2.53
C ALA A 91 -5.52 -14.34 1.88
N LEU A 92 -4.42 -14.99 2.26
CA LEU A 92 -3.11 -14.74 1.63
C LEU A 92 -3.09 -15.07 0.13
N GLN A 93 -3.62 -16.21 -0.24
CA GLN A 93 -3.75 -16.61 -1.66
C GLN A 93 -4.55 -15.55 -2.46
N GLU A 94 -5.64 -15.08 -1.86
CA GLU A 94 -6.50 -14.10 -2.49
C GLU A 94 -5.79 -12.77 -2.70
N GLU A 95 -5.09 -12.31 -1.69
CA GLU A 95 -4.47 -10.98 -1.82
C GLU A 95 -3.28 -11.04 -2.76
N LEU A 96 -2.48 -12.09 -2.70
CA LEU A 96 -1.40 -12.21 -3.65
C LEU A 96 -1.99 -12.23 -5.09
N SER A 97 -3.12 -12.91 -5.26
CA SER A 97 -3.77 -13.00 -6.55
C SER A 97 -4.32 -11.65 -7.01
N ASP A 98 -4.95 -10.90 -6.10
CA ASP A 98 -5.49 -9.56 -6.43
C ASP A 98 -4.38 -8.60 -6.86
N VAL A 99 -3.24 -8.63 -6.18
CA VAL A 99 -2.09 -7.83 -6.62
C VAL A 99 -1.64 -8.20 -8.02
N LEU A 100 -1.52 -9.50 -8.27
N LEU A 100 -1.53 -9.51 -8.28
CA LEU A 100 -1.08 -9.98 -9.58
CA LEU A 100 -1.07 -9.97 -9.57
C LEU A 100 -2.07 -9.60 -10.69
C LEU A 100 -2.07 -9.57 -10.67
N ILE A 101 -3.37 -9.76 -10.43
CA ILE A 101 -4.40 -9.46 -11.44
C ILE A 101 -4.34 -7.97 -11.88
N TYR A 102 -4.24 -7.10 -10.92
CA TYR A 102 -4.15 -5.65 -11.22
C TYR A 102 -2.85 -5.30 -11.84
N LEU A 103 -1.76 -5.95 -11.46
N LEU A 103 -1.77 -5.95 -11.47
CA LEU A 103 -0.47 -5.69 -12.10
CA LEU A 103 -0.48 -5.71 -12.11
C LEU A 103 -0.49 -6.07 -13.57
C LEU A 103 -0.50 -6.07 -13.57
N VAL A 104 -1.05 -7.24 -13.85
CA VAL A 104 -1.27 -7.70 -15.22
C VAL A 104 -2.16 -6.72 -16.01
N ALA A 105 -3.26 -6.29 -15.41
CA ALA A 105 -4.16 -5.36 -16.11
C ALA A 105 -3.48 -4.04 -16.41
N LEU A 106 -2.74 -3.54 -15.43
CA LEU A 106 -1.98 -2.33 -15.61
C LEU A 106 -0.95 -2.45 -16.70
N ALA A 107 -0.14 -3.51 -16.66
CA ALA A 107 0.87 -3.70 -17.70
C ALA A 107 0.23 -3.75 -19.09
N ALA A 108 -0.88 -4.50 -19.23
CA ALA A 108 -1.57 -4.61 -20.51
C ALA A 108 -2.15 -3.24 -20.98
N ARG A 109 -2.74 -2.50 -20.05
CA ARG A 109 -3.29 -1.20 -20.37
C ARG A 109 -2.17 -0.21 -20.86
N CYS A 110 -0.96 -0.38 -20.35
CA CYS A 110 0.22 0.38 -20.79
C CYS A 110 0.98 -0.20 -22.00
N HIS A 111 0.48 -1.26 -22.58
CA HIS A 111 1.12 -1.95 -23.71
C HIS A 111 2.53 -2.42 -23.36
N VAL A 112 2.71 -2.95 -22.15
CA VAL A 112 3.95 -3.49 -21.72
C VAL A 112 3.88 -5.01 -21.76
N ASP A 113 4.83 -5.60 -22.47
CA ASP A 113 4.96 -7.05 -22.59
C ASP A 113 5.64 -7.55 -21.31
N LEU A 114 4.83 -7.78 -20.29
CA LEU A 114 5.33 -8.04 -18.93
C LEU A 114 6.31 -9.22 -18.82
N PRO A 115 6.00 -10.37 -19.44
CA PRO A 115 7.01 -11.45 -19.37
C PRO A 115 8.38 -11.07 -19.90
N GLN A 116 8.42 -10.40 -21.04
CA GLN A 116 9.71 -10.00 -21.63
C GLN A 116 10.36 -8.85 -20.89
N ALA A 117 9.57 -7.95 -20.32
CA ALA A 117 10.12 -6.93 -19.45
C ALA A 117 10.89 -7.55 -18.25
N VAL A 118 10.35 -8.60 -17.70
CA VAL A 118 10.99 -9.32 -16.56
C VAL A 118 12.35 -9.92 -16.99
N ILE A 119 12.39 -10.53 -18.19
CA ILE A 119 13.66 -11.06 -18.73
C ILE A 119 14.70 -9.94 -18.80
N SER A 120 14.28 -8.80 -19.34
CA SER A 120 15.18 -7.67 -19.47
C SER A 120 15.61 -7.15 -18.09
N LYS A 121 14.68 -7.10 -17.13
CA LYS A 121 15.05 -6.60 -15.80
C LYS A 121 16.00 -7.57 -15.05
N MET A 122 15.79 -8.86 -15.19
CA MET A 122 16.69 -9.85 -14.58
C MET A 122 18.14 -9.70 -15.14
N ASP A 123 18.28 -9.43 -16.44
CA ASP A 123 19.61 -9.16 -17.02
C ASP A 123 20.26 -7.91 -16.36
N THR A 124 19.51 -6.82 -16.32
CA THR A 124 19.92 -5.63 -15.58
C THR A 124 20.33 -5.95 -14.13
N ASN A 125 19.56 -6.80 -13.46
CA ASN A 125 19.85 -7.15 -12.07
C ASN A 125 21.21 -7.87 -11.95
N ARG A 126 21.48 -8.76 -12.88
CA ARG A 126 22.75 -9.50 -12.85
C ARG A 126 23.98 -8.59 -13.03
N GLN A 127 23.87 -7.55 -13.88
CA GLN A 127 24.95 -6.60 -14.11
C GLN A 127 25.15 -5.70 -12.93
N ARG A 128 24.06 -5.22 -12.35
CA ARG A 128 24.17 -4.39 -11.17
C ARG A 128 24.73 -5.16 -9.97
N TYR A 129 24.46 -6.46 -9.89
CA TYR A 129 24.84 -7.26 -8.72
C TYR A 129 25.61 -8.53 -9.10
N PRO A 130 26.82 -8.35 -9.68
CA PRO A 130 27.60 -9.51 -10.13
C PRO A 130 27.98 -10.40 -8.97
N VAL A 131 28.05 -11.70 -9.20
CA VAL A 131 28.14 -12.64 -8.07
C VAL A 131 29.39 -12.37 -7.25
N HIS A 132 30.51 -12.08 -7.92
CA HIS A 132 31.79 -11.89 -7.22
C HIS A 132 31.81 -10.66 -6.29
N LEU A 133 30.99 -9.64 -6.59
CA LEU A 133 30.98 -8.40 -5.79
C LEU A 133 29.99 -8.41 -4.63
N SER A 134 29.28 -9.52 -4.40
CA SER A 134 28.42 -9.66 -3.23
C SER A 134 28.95 -10.74 -2.28
N PRO B 22 -12.71 30.29 4.34
CA PRO B 22 -11.24 30.15 4.27
C PRO B 22 -10.74 28.89 5.03
N PHE B 23 -10.00 28.00 4.39
CA PHE B 23 -9.74 26.69 4.98
C PHE B 23 -8.53 26.68 5.89
N ARG B 24 -8.71 26.20 7.12
CA ARG B 24 -7.62 26.05 8.12
C ARG B 24 -7.80 24.69 8.81
N PHE B 25 -6.72 24.06 9.26
CA PHE B 25 -6.84 22.99 10.28
C PHE B 25 -7.08 23.63 11.63
N SER B 26 -7.73 22.91 12.54
CA SER B 26 -7.77 23.31 13.92
C SER B 26 -6.37 23.39 14.56
N PRO B 27 -6.21 24.27 15.57
CA PRO B 27 -4.89 24.45 16.19
C PRO B 27 -4.44 23.29 17.09
N GLU B 28 -5.39 22.46 17.55
CA GLU B 28 -5.13 21.26 18.32
C GLU B 28 -6.00 20.11 17.84
N PRO B 29 -5.57 18.85 18.02
CA PRO B 29 -4.28 18.47 18.62
C PRO B 29 -3.04 18.69 17.73
N THR B 30 -1.92 18.95 18.42
CA THR B 30 -0.59 19.03 17.82
C THR B 30 -0.08 17.58 17.59
N LEU B 31 1.04 17.45 16.92
CA LEU B 31 1.64 16.12 16.69
C LEU B 31 2.09 15.51 18.01
N GLU B 32 2.60 16.34 18.91
CA GLU B 32 2.97 15.87 20.25
C GLU B 32 1.73 15.39 21.01
N ASP B 33 0.63 16.15 20.89
CA ASP B 33 -0.64 15.75 21.50
C ASP B 33 -1.09 14.37 20.95
N ILE B 34 -0.98 14.17 19.64
CA ILE B 34 -1.35 12.90 19.03
C ILE B 34 -0.44 11.76 19.51
N ARG B 35 0.87 12.01 19.55
CA ARG B 35 1.80 11.03 20.11
C ARG B 35 1.38 10.56 21.48
N ARG B 36 1.07 11.54 22.35
CA ARG B 36 0.72 11.29 23.72
C ARG B 36 -0.56 10.46 23.79
N LEU B 37 -1.57 10.88 23.03
CA LEU B 37 -2.84 10.16 23.01
C LEU B 37 -2.68 8.73 22.48
N HIS B 38 -1.94 8.55 21.41
CA HIS B 38 -1.76 7.19 20.91
C HIS B 38 -0.96 6.33 21.89
N ALA B 39 0.06 6.88 22.53
CA ALA B 39 0.86 6.09 23.50
C ALA B 39 0.00 5.62 24.68
N GLU B 40 -0.85 6.51 25.17
CA GLU B 40 -1.73 6.16 26.29
C GLU B 40 -2.75 5.12 25.83
N PHE B 41 -3.30 5.25 24.62
CA PHE B 41 -4.20 4.24 24.01
C PHE B 41 -3.56 2.83 23.96
N ALA B 42 -2.33 2.77 23.45
CA ALA B 42 -1.60 1.52 23.33
C ALA B 42 -1.23 0.95 24.69
N ALA B 43 -0.71 1.81 25.57
CA ALA B 43 -0.27 1.39 26.91
C ALA B 43 -1.42 0.82 27.74
N GLU B 44 -2.61 1.39 27.63
CA GLU B 44 -3.78 0.86 28.34
C GLU B 44 -4.12 -0.58 27.95
N ARG B 45 -3.84 -0.93 26.70
CA ARG B 45 -4.19 -2.24 26.15
C ARG B 45 -3.01 -3.22 26.15
N ASP B 46 -1.88 -2.80 26.70
CA ASP B 46 -0.66 -3.61 26.68
C ASP B 46 -0.23 -4.00 25.24
N TRP B 47 -0.25 -2.99 24.37
CA TRP B 47 0.02 -3.17 22.94
C TRP B 47 1.42 -2.77 22.48
N GLU B 48 2.25 -2.19 23.37
CA GLU B 48 3.65 -1.80 23.07
C GLU B 48 4.41 -2.96 22.43
N GLN B 49 4.17 -4.17 22.93
CA GLN B 49 4.79 -5.37 22.38
C GLN B 49 4.51 -5.60 20.89
N PHE B 50 3.34 -5.18 20.42
CA PHE B 50 2.98 -5.27 18.99
C PHE B 50 3.47 -4.10 18.13
N HIS B 51 3.90 -3.01 18.76
CA HIS B 51 4.17 -1.77 18.09
C HIS B 51 5.65 -1.62 17.74
N GLN B 52 6.25 -2.68 17.24
CA GLN B 52 7.64 -2.66 16.82
C GLN B 52 7.64 -1.89 15.49
N PRO B 53 8.78 -1.32 15.12
CA PRO B 53 8.77 -0.42 13.94
C PRO B 53 8.26 -1.09 12.64
N ARG B 54 8.67 -2.33 12.36
CA ARG B 54 8.21 -2.97 11.11
C ARG B 54 6.73 -3.31 11.11
N ASN B 55 6.20 -3.67 12.28
CA ASN B 55 4.78 -3.89 12.42
C ASN B 55 4.00 -2.57 12.15
N LEU B 56 4.45 -1.46 12.76
CA LEU B 56 3.77 -0.18 12.54
C LEU B 56 3.85 0.26 11.07
N LEU B 57 4.98 -0.01 10.43
CA LEU B 57 5.18 0.38 9.02
C LEU B 57 4.23 -0.42 8.13
N LEU B 58 4.11 -1.71 8.37
CA LEU B 58 3.17 -2.54 7.59
C LEU B 58 1.69 -2.13 7.83
N ALA B 59 1.37 -1.75 9.09
CA ALA B 59 0.06 -1.27 9.42
C ALA B 59 -0.23 0.03 8.69
N LEU B 60 0.77 0.91 8.61
N LEU B 60 0.76 0.91 8.60
CA LEU B 60 0.68 2.14 7.85
CA LEU B 60 0.64 2.13 7.87
C LEU B 60 0.39 1.85 6.38
C LEU B 60 0.38 1.85 6.39
N VAL B 61 1.10 0.88 5.82
CA VAL B 61 0.89 0.50 4.43
C VAL B 61 -0.56 0.03 4.20
N GLY B 62 -1.08 -0.74 5.15
CA GLY B 62 -2.47 -1.14 5.13
C GLY B 62 -3.45 0.02 5.02
N GLU B 63 -3.20 1.03 5.85
CA GLU B 63 -4.12 2.22 5.86
C GLU B 63 -3.96 3.08 4.62
N VAL B 64 -2.75 3.15 4.09
CA VAL B 64 -2.52 3.80 2.78
C VAL B 64 -3.35 3.09 1.71
N GLY B 65 -3.42 1.77 1.79
CA GLY B 65 -4.28 1.05 0.91
C GLY B 65 -5.74 1.39 1.04
N GLU B 66 -6.21 1.51 2.29
CA GLU B 66 -7.62 1.89 2.51
C GLU B 66 -7.92 3.29 1.95
N LEU B 67 -6.94 4.19 2.06
CA LEU B 67 -7.04 5.54 1.49
C LEU B 67 -7.11 5.51 -0.02
N ALA B 68 -6.27 4.70 -0.65
CA ALA B 68 -6.27 4.56 -2.10
C ALA B 68 -7.59 4.05 -2.63
N GLU B 69 -8.20 3.11 -1.91
CA GLU B 69 -9.46 2.53 -2.31
C GLU B 69 -10.56 3.57 -2.52
N LEU B 70 -10.55 4.61 -1.70
CA LEU B 70 -11.56 5.67 -1.83
C LEU B 70 -11.47 6.42 -3.16
N PHE B 71 -10.25 6.56 -3.67
CA PHE B 71 -10.01 7.29 -4.91
C PHE B 71 -9.91 6.44 -6.19
N GLN B 72 -9.82 5.12 -6.06
CA GLN B 72 -9.35 4.30 -7.20
C GLN B 72 -10.22 4.38 -8.44
N TRP B 73 -11.54 4.47 -8.27
CA TRP B 73 -12.45 4.50 -9.41
C TRP B 73 -12.99 5.89 -9.71
N LYS B 74 -12.38 6.95 -9.17
CA LYS B 74 -12.91 8.29 -9.35
C LYS B 74 -12.48 8.85 -10.66
N SER B 75 -13.46 9.13 -11.50
CA SER B 75 -13.28 9.85 -12.77
C SER B 75 -12.90 11.33 -12.54
N ASP B 76 -12.28 11.92 -13.57
CA ASP B 76 -11.89 13.35 -13.64
C ASP B 76 -13.08 14.33 -13.61
N THR B 77 -14.15 13.97 -14.32
CA THR B 77 -15.31 14.84 -14.44
C THR B 77 -16.19 14.86 -13.21
N GLU B 78 -16.24 13.76 -12.46
CA GLU B 78 -17.17 13.68 -11.31
C GLU B 78 -16.65 14.54 -10.12
N PRO B 79 -17.52 14.80 -9.12
CA PRO B 79 -17.11 15.69 -8.02
C PRO B 79 -15.82 15.27 -7.30
N GLY B 80 -15.01 16.27 -6.95
CA GLY B 80 -13.77 16.12 -6.17
C GLY B 80 -14.07 16.07 -4.68
N PRO B 81 -13.06 15.72 -3.86
CA PRO B 81 -13.35 15.30 -2.48
C PRO B 81 -14.02 16.36 -1.60
N GLN B 82 -13.82 17.65 -1.92
CA GLN B 82 -14.57 18.73 -1.25
C GLN B 82 -16.07 18.57 -1.43
N ALA B 83 -16.47 18.00 -2.55
CA ALA B 83 -17.87 17.84 -2.90
C ALA B 83 -18.41 16.47 -2.61
N TRP B 84 -17.63 15.56 -2.00
CA TRP B 84 -18.07 14.14 -1.90
C TRP B 84 -19.25 14.10 -0.94
N PRO B 85 -20.16 13.12 -1.12
CA PRO B 85 -21.26 12.96 -0.20
C PRO B 85 -20.80 12.65 1.24
N PRO B 86 -21.65 12.92 2.24
CA PRO B 86 -21.27 12.78 3.63
C PRO B 86 -20.61 11.45 3.98
N LYS B 87 -21.16 10.31 3.54
CA LYS B 87 -20.56 9.00 3.85
C LYS B 87 -19.13 8.86 3.35
N GLU B 88 -18.87 9.38 2.16
CA GLU B 88 -17.56 9.30 1.55
C GLU B 88 -16.58 10.27 2.22
N ARG B 89 -17.03 11.47 2.56
CA ARG B 89 -16.18 12.37 3.34
C ARG B 89 -15.85 11.79 4.70
N ALA B 90 -16.81 11.18 5.39
CA ALA B 90 -16.52 10.52 6.66
C ALA B 90 -15.42 9.46 6.48
N ALA B 91 -15.55 8.66 5.44
CA ALA B 91 -14.54 7.61 5.21
C ALA B 91 -13.15 8.22 4.94
N LEU B 92 -13.14 9.31 4.16
CA LEU B 92 -11.90 10.01 3.86
C LEU B 92 -11.20 10.56 5.08
N GLN B 93 -11.94 11.22 5.95
CA GLN B 93 -11.40 11.72 7.22
C GLN B 93 -10.76 10.62 8.05
N GLU B 94 -11.44 9.49 8.11
CA GLU B 94 -10.97 8.34 8.89
C GLU B 94 -9.67 7.77 8.33
N GLU B 95 -9.60 7.62 7.02
CA GLU B 95 -8.38 7.01 6.45
C GLU B 95 -7.20 7.97 6.51
N LEU B 96 -7.43 9.24 6.24
CA LEU B 96 -6.32 10.19 6.40
C LEU B 96 -5.82 10.17 7.86
N SER B 97 -6.76 10.04 8.80
CA SER B 97 -6.43 10.00 10.21
C SER B 97 -5.67 8.72 10.58
N ASP B 98 -6.11 7.58 10.04
CA ASP B 98 -5.40 6.29 10.29
C ASP B 98 -3.96 6.33 9.82
N VAL B 99 -3.73 6.89 8.62
CA VAL B 99 -2.38 7.04 8.13
C VAL B 99 -1.54 7.90 9.09
N LEU B 100 -2.09 9.04 9.50
CA LEU B 100 -1.38 9.92 10.39
C LEU B 100 -1.08 9.28 11.75
N ILE B 101 -2.04 8.57 12.33
CA ILE B 101 -1.84 7.95 13.66
C ILE B 101 -0.69 6.95 13.62
N TYR B 102 -0.67 6.09 12.60
CA TYR B 102 0.40 5.12 12.52
C TYR B 102 1.73 5.76 12.16
N LEU B 103 1.72 6.84 11.38
CA LEU B 103 2.95 7.55 11.06
C LEU B 103 3.56 8.17 12.32
N VAL B 104 2.70 8.79 13.12
CA VAL B 104 3.13 9.33 14.42
C VAL B 104 3.67 8.22 15.32
N ALA B 105 2.97 7.10 15.41
CA ALA B 105 3.44 6.00 16.25
C ALA B 105 4.80 5.47 15.79
N LEU B 106 4.95 5.31 14.50
CA LEU B 106 6.19 4.85 13.92
C LEU B 106 7.34 5.82 14.21
N ALA B 107 7.10 7.11 13.91
CA ALA B 107 8.15 8.08 14.22
C ALA B 107 8.57 8.07 15.72
N ALA B 108 7.57 8.00 16.61
CA ALA B 108 7.84 7.94 18.06
C ALA B 108 8.57 6.70 18.48
N ARG B 109 8.18 5.54 17.91
CA ARG B 109 8.86 4.29 18.23
C ARG B 109 10.34 4.34 17.79
N CYS B 110 10.64 5.11 16.72
CA CYS B 110 11.99 5.31 16.23
C CYS B 110 12.75 6.48 16.91
N HIS B 111 12.15 7.13 17.89
CA HIS B 111 12.72 8.33 18.50
C HIS B 111 13.06 9.41 17.51
N VAL B 112 12.16 9.66 16.56
CA VAL B 112 12.32 10.73 15.60
C VAL B 112 11.39 11.86 16.00
N ASP B 113 11.99 13.04 16.15
CA ASP B 113 11.25 14.26 16.46
C ASP B 113 10.60 14.76 15.18
N LEU B 114 9.43 14.22 14.91
CA LEU B 114 8.76 14.41 13.61
C LEU B 114 8.50 15.90 13.24
N PRO B 115 7.99 16.70 14.17
CA PRO B 115 7.83 18.13 13.82
C PRO B 115 9.11 18.81 13.34
N GLN B 116 10.21 18.58 14.03
CA GLN B 116 11.48 19.21 13.68
C GLN B 116 12.12 18.58 12.46
N ALA B 117 11.91 17.28 12.28
CA ALA B 117 12.34 16.63 11.04
C ALA B 117 11.68 17.26 9.82
N VAL B 118 10.41 17.60 9.92
CA VAL B 118 9.67 18.25 8.81
C VAL B 118 10.27 19.61 8.47
N ILE B 119 10.63 20.38 9.49
CA ILE B 119 11.29 21.67 9.24
C ILE B 119 12.58 21.46 8.47
N SER B 120 13.38 20.50 8.89
N SER B 120 13.41 20.52 8.91
CA SER B 120 14.62 20.20 8.22
CA SER B 120 14.64 20.17 8.20
C SER B 120 14.36 19.72 6.77
C SER B 120 14.36 19.72 6.77
N LYS B 121 13.34 18.89 6.57
CA LYS B 121 13.03 18.39 5.23
C LYS B 121 12.53 19.51 4.30
N MET B 122 11.71 20.43 4.80
CA MET B 122 11.25 21.57 4.00
C MET B 122 12.44 22.45 3.54
N ASP B 123 13.44 22.65 4.40
CA ASP B 123 14.66 23.38 3.98
C ASP B 123 15.39 22.65 2.84
N THR B 124 15.60 21.35 3.01
CA THR B 124 16.13 20.52 1.93
C THR B 124 15.30 20.64 0.65
N ASN B 125 13.97 20.66 0.79
CA ASN B 125 13.08 20.76 -0.39
C ASN B 125 13.30 22.09 -1.14
N ARG B 126 13.50 23.17 -0.40
CA ARG B 126 13.77 24.47 -1.03
C ARG B 126 15.07 24.50 -1.86
N GLN B 127 16.11 23.83 -1.40
CA GLN B 127 17.39 23.73 -2.12
C GLN B 127 17.28 22.83 -3.35
N ARG B 128 16.58 21.70 -3.19
CA ARG B 128 16.34 20.82 -4.31
C ARG B 128 15.47 21.48 -5.39
N TYR B 129 14.57 22.39 -5.00
CA TYR B 129 13.60 22.95 -5.93
C TYR B 129 13.55 24.49 -5.90
N PRO B 130 14.67 25.14 -6.27
CA PRO B 130 14.70 26.61 -6.25
C PRO B 130 13.72 27.16 -7.29
N VAL B 131 13.29 28.41 -7.14
CA VAL B 131 12.38 29.05 -8.14
C VAL B 131 13.14 29.63 -9.37
MG MG C . -8.24 -8.25 -2.11
MG MG D . -10.05 -5.34 -2.49
PG 0KX E . -12.52 -6.55 -0.55
O1G 0KX E . -12.03 -7.04 0.81
O2G 0KX E . -13.98 -6.11 -0.60
O3G 0KX E . -11.65 -5.39 -1.03
PB 0KX E . -11.61 -8.22 -2.88
O1B 0KX E . -11.59 -9.73 -3.04
O2B 0KX E . -10.25 -7.49 -2.83
O3B 0KX E . -12.38 -7.95 -1.45
PA 0KX E . -12.45 -6.24 -4.84
O1A 0KX E . -13.88 -5.75 -4.88
O2A 0KX E . -11.63 -5.36 -3.94
N3A 0KX E . -12.58 -7.79 -4.17
O5' 0KX E . -11.77 -6.19 -6.40
C5' 0KX E . -10.53 -6.82 -6.57
C4' 0KX E . -10.68 -8.10 -7.53
O4' 0KX E . -11.94 -8.06 -8.51
C3' 0KX E . -9.62 -8.20 -8.29
O3' 0KX E . -9.14 -9.58 -8.41
C2' 0KX E . -10.05 -7.57 -9.76
C1' 0KX E . -11.37 -7.62 -9.90
N1 0KX E . -11.90 -6.30 -10.37
C2 0KX E . -11.60 -5.77 -11.61
N3 0KX E . -12.05 -4.56 -11.94
C4 0KX E . -12.84 -3.86 -11.15
C5 0KX E . -13.19 -4.35 -9.90
C6 0KX E . -12.68 -5.59 -9.52
O2 0KX E . -10.92 -6.30 -12.46
N4 0KX E . -13.36 -2.62 -11.66
MG MG F . -8.63 2.73 8.18
MG MG G . -7.69 -0.65 8.96
PG 0KX H . -10.89 -1.65 9.11
O1G 0KX H . -9.41 -1.83 8.88
O2G 0KX H . -11.62 -1.34 7.82
O3G 0KX H . -11.52 -2.79 9.87
PB 0KX H . -10.00 0.70 10.59
O1B 0KX H . -8.98 0.96 9.51
O2B 0KX H . -10.66 2.02 10.92
O3B 0KX H . -11.20 -0.30 10.06
PA 0KX H . -8.14 -0.81 12.34
O1A 0KX H . -7.45 -1.20 11.02
O2A 0KX H . -8.68 -1.99 13.06
N3A 0KX H . -9.40 0.26 12.14
O5' 0KX H . -6.95 -0.13 13.31
C5' 0KX H . -6.31 1.05 12.84
C4' 0KX H . -6.65 2.33 13.73
O4' 0KX H . -6.78 1.93 15.24
C3' 0KX H . -5.67 3.17 13.70
O3' 0KX H . -6.08 4.59 13.87
C2' 0KX H . -4.67 2.73 14.92
C1' 0KX H . -5.38 2.07 15.83
N1 0KX H . -4.76 0.75 16.22
C2 0KX H . -3.50 0.66 16.73
N3 0KX H . -2.90 -0.51 17.08
C4 0KX H . -3.59 -1.63 16.90
C5 0KX H . -4.87 -1.60 16.35
C6 0KX H . -5.45 -0.37 16.03
O2 0KX H . -2.88 1.67 16.90
N4 0KX H . -3.08 -2.91 17.26
#